data_7TBB
#
_entry.id   7TBB
#
_cell.length_a   62.308
_cell.length_b   63.152
_cell.length_c   79.337
_cell.angle_alpha   90.000
_cell.angle_beta   90.000
_cell.angle_gamma   90.000
#
_symmetry.space_group_name_H-M   'P 21 21 21'
#
loop_
_entity.id
_entity.type
_entity.pdbx_description
1 polymer 'Plasmepsin 10'
2 non-polymer 2-acetamido-2-deoxy-beta-D-glucopyranose
3 non-polymer 'ACETATE ION'
4 non-polymer GLYCEROL
5 water water
#
_entity_poly.entity_id   1
_entity_poly.type   'polypeptide(L)'
_entity_poly.pdbx_seq_one_letter_code
;SSIEKNFIALENKNATVEQTKENIFLVPLKHLRDSQFVGELLVGTPPQTVYPIFDTGSTNVWVVTTACEEESCKKVRRYD
PNKSKTFRRSFIEKNLHIVFGSGSISGSVGTDTFMLGKHLVRNQTFGLVESESNNNKNGGDNIFDYISFEGIVGLGFPGM
LSAGNIPFFDNLLKQNPNVDPQFSFYISPYDGKSTLIIGGISKSFYEGDIYMLPVLKESYWEVKLDELYIGKERICCDEE
SYVIFDTGTSYNTMPSSQMKTFLNLIHSTACTEQNYKDILKSYPIIKYVFGELIIELHPEEYMILNDDVCMPAYMQIDVP
SERNHAYLLGSLSFMRNFFTVFVRGTESRPSMVGVARAKSKNENLYFQGHHHHHHHH
;
_entity_poly.pdbx_strand_id   A
#
# COMPACT_ATOMS: atom_id res chain seq x y z
N GLU A 22 18.16 17.56 3.74
CA GLU A 22 18.84 16.30 4.04
C GLU A 22 19.03 15.45 2.78
N ASN A 23 19.01 14.13 2.95
CA ASN A 23 19.08 13.19 1.83
C ASN A 23 17.70 12.74 1.36
N ILE A 24 16.72 13.64 1.30
CA ILE A 24 15.36 13.26 0.93
C ILE A 24 15.27 13.19 -0.58
N PHE A 25 14.53 12.21 -1.10
CA PHE A 25 14.37 12.12 -2.55
C PHE A 25 12.98 11.59 -2.87
N LEU A 26 12.54 11.91 -4.09
CA LEU A 26 11.15 11.73 -4.50
C LEU A 26 11.07 10.70 -5.63
N VAL A 27 10.06 9.85 -5.55
CA VAL A 27 9.79 8.82 -6.53
C VAL A 27 8.37 9.03 -7.05
N PRO A 28 8.22 9.64 -8.23
CA PRO A 28 6.87 9.86 -8.78
C PRO A 28 6.06 8.58 -8.85
N LEU A 29 4.76 8.69 -8.58
CA LEU A 29 3.83 7.57 -8.56
C LEU A 29 2.74 7.77 -9.60
N LYS A 30 2.38 6.68 -10.28
CA LYS A 30 1.32 6.67 -11.29
C LYS A 30 0.19 5.79 -10.80
N HIS A 31 -1.04 6.29 -10.88
CA HIS A 31 -2.23 5.51 -10.62
C HIS A 31 -2.76 5.02 -11.96
N LEU A 32 -2.85 3.71 -12.12
CA LEU A 32 -3.20 3.09 -13.40
C LEU A 32 -4.70 2.81 -13.52
N ARG A 33 -5.20 1.94 -12.66
CA ARG A 33 -6.62 1.74 -12.37
C ARG A 33 -6.65 0.99 -11.05
N ASP A 34 -7.84 0.50 -10.69
CA ASP A 34 -8.05 -0.03 -9.36
C ASP A 34 -7.63 1.05 -8.37
N SER A 35 -6.60 0.79 -7.56
CA SER A 35 -6.09 1.81 -6.66
C SER A 35 -4.58 1.83 -6.61
N GLN A 36 -3.96 0.66 -6.74
CA GLN A 36 -2.54 0.48 -6.43
C GLN A 36 -1.66 1.49 -7.15
N PHE A 37 -0.63 1.97 -6.46
CA PHE A 37 0.25 3.00 -6.98
C PHE A 37 1.61 2.42 -7.34
N VAL A 38 2.04 2.64 -8.59
CA VAL A 38 3.29 2.11 -9.11
C VAL A 38 4.30 3.24 -9.30
N GLY A 39 5.58 2.88 -9.17
CA GLY A 39 6.66 3.81 -9.42
C GLY A 39 7.74 3.12 -10.22
N GLU A 40 8.66 3.91 -10.75
CA GLU A 40 9.77 3.39 -11.54
C GLU A 40 10.82 2.72 -10.66
N LEU A 41 11.17 1.47 -11.00
CA LEU A 41 12.22 0.73 -10.32
C LEU A 41 13.15 0.18 -11.39
N LEU A 42 14.46 0.39 -11.23
CA LEU A 42 15.43 -0.20 -12.15
C LEU A 42 16.07 -1.42 -11.52
N VAL A 43 16.22 -2.48 -12.31
CA VAL A 43 16.73 -3.77 -11.84
C VAL A 43 17.84 -4.24 -12.77
N GLY A 44 19.01 -4.55 -12.21
CA GLY A 44 20.06 -5.21 -12.96
C GLY A 44 21.01 -4.26 -13.68
N THR A 45 21.95 -4.88 -14.40
CA THR A 45 23.02 -4.19 -15.10
C THR A 45 23.19 -4.78 -16.49
N PRO A 46 22.91 -4.02 -17.56
CA PRO A 46 22.35 -2.67 -17.57
C PRO A 46 20.90 -2.67 -17.07
N PRO A 47 20.40 -1.52 -16.60
CA PRO A 47 19.12 -1.49 -15.91
C PRO A 47 17.94 -1.80 -16.81
N GLN A 48 17.05 -2.64 -16.31
CA GLN A 48 15.75 -2.90 -16.91
C GLN A 48 14.70 -2.22 -16.05
N THR A 49 13.67 -1.65 -16.69
CA THR A 49 12.68 -0.85 -15.98
C THR A 49 11.43 -1.67 -15.68
N VAL A 50 10.96 -1.61 -14.43
CA VAL A 50 9.72 -2.25 -14.03
C VAL A 50 8.92 -1.21 -13.25
N TYR A 51 7.59 -1.39 -13.18
CA TYR A 51 6.70 -0.47 -12.47
C TYR A 51 5.91 -1.23 -11.41
N PRO A 52 6.52 -1.57 -10.28
CA PRO A 52 5.85 -2.35 -9.25
C PRO A 52 4.96 -1.48 -8.36
N ILE A 53 4.05 -2.17 -7.67
CA ILE A 53 3.24 -1.59 -6.60
C ILE A 53 4.10 -1.39 -5.36
N PHE A 54 3.96 -0.24 -4.70
CA PHE A 54 4.67 0.00 -3.45
C PHE A 54 3.69 -0.31 -2.32
N ASP A 55 3.98 -1.36 -1.54
CA ASP A 55 2.97 -2.01 -0.70
C ASP A 55 3.42 -2.06 0.75
N THR A 56 2.84 -1.25 1.61
CA THR A 56 3.15 -1.31 3.04
C THR A 56 2.58 -2.55 3.70
N GLY A 57 1.76 -3.34 3.01
CA GLY A 57 1.15 -4.54 3.51
C GLY A 57 1.93 -5.82 3.32
N SER A 58 3.12 -5.75 2.74
CA SER A 58 3.99 -6.90 2.55
C SER A 58 5.43 -6.42 2.57
N THR A 59 6.35 -7.37 2.50
CA THR A 59 7.77 -7.07 2.69
C THR A 59 8.66 -7.59 1.56
N ASN A 60 8.23 -8.60 0.80
CA ASN A 60 9.07 -9.10 -0.26
C ASN A 60 9.04 -8.20 -1.47
N VAL A 61 10.09 -8.34 -2.29
CA VAL A 61 10.13 -7.79 -3.63
C VAL A 61 9.79 -8.90 -4.61
N TRP A 62 8.85 -8.63 -5.52
CA TRP A 62 8.53 -9.52 -6.63
C TRP A 62 8.72 -8.74 -7.93
N VAL A 63 9.19 -9.43 -8.98
CA VAL A 63 9.40 -8.83 -10.31
C VAL A 63 8.90 -9.84 -11.34
N VAL A 64 8.05 -9.38 -12.27
CA VAL A 64 7.55 -10.26 -13.33
C VAL A 64 8.67 -10.45 -14.34
N THR A 65 8.94 -11.70 -14.71
CA THR A 65 10.08 -12.00 -15.54
C THR A 65 9.65 -12.65 -16.85
N THR A 66 10.63 -12.81 -17.74
CA THR A 66 10.34 -13.44 -19.03
C THR A 66 10.02 -14.92 -18.91
N ALA A 67 10.21 -15.54 -17.74
CA ALA A 67 9.79 -16.93 -17.59
C ALA A 67 8.28 -17.08 -17.53
N CYS A 68 7.56 -16.00 -17.23
CA CYS A 68 6.10 -16.07 -17.16
C CYS A 68 5.49 -15.88 -18.56
N GLU A 69 4.81 -16.91 -19.05
CA GLU A 69 4.24 -16.90 -20.40
C GLU A 69 2.73 -16.83 -20.40
N GLU A 70 2.11 -16.54 -19.26
CA GLU A 70 0.70 -16.18 -19.29
C GLU A 70 0.51 -14.91 -20.10
N GLU A 71 -0.66 -14.78 -20.73
CA GLU A 71 -0.97 -13.56 -21.46
C GLU A 71 -1.01 -12.36 -20.54
N SER A 72 -1.39 -12.56 -19.28
CA SER A 72 -1.36 -11.47 -18.32
C SER A 72 0.06 -11.04 -17.99
N CYS A 73 1.06 -11.89 -18.27
CA CYS A 73 2.47 -11.54 -18.14
C CYS A 73 3.05 -10.97 -19.42
N LYS A 74 2.71 -11.59 -20.57
CA LYS A 74 3.30 -11.14 -21.83
C LYS A 74 2.90 -9.71 -22.17
N LYS A 75 1.81 -9.19 -21.60
CA LYS A 75 1.37 -7.85 -21.91
C LYS A 75 2.12 -6.76 -21.15
N VAL A 76 2.89 -7.10 -20.11
CA VAL A 76 3.59 -6.11 -19.31
C VAL A 76 5.10 -6.19 -19.56
N ARG A 77 5.81 -5.19 -19.06
CA ARG A 77 7.27 -5.25 -19.09
C ARG A 77 7.72 -6.43 -18.24
N ARG A 78 8.62 -7.24 -18.79
CA ARG A 78 9.11 -8.46 -18.15
C ARG A 78 10.62 -8.38 -18.02
N TYR A 79 11.10 -8.54 -16.81
CA TYR A 79 12.53 -8.54 -16.54
C TYR A 79 13.16 -9.84 -17.04
N ASP A 80 14.29 -9.71 -17.73
CA ASP A 80 15.04 -10.85 -18.24
C ASP A 80 16.29 -11.01 -17.40
N PRO A 81 16.34 -11.99 -16.49
CA PRO A 81 17.55 -12.14 -15.66
C PRO A 81 18.78 -12.53 -16.45
N ASN A 82 18.61 -13.15 -17.62
CA ASN A 82 19.76 -13.51 -18.44
C ASN A 82 20.44 -12.29 -19.05
N LYS A 83 19.78 -11.13 -19.06
CA LYS A 83 20.38 -9.91 -19.58
C LYS A 83 21.05 -9.06 -18.51
N SER A 84 21.06 -9.48 -17.24
CA SER A 84 21.63 -8.69 -16.16
C SER A 84 22.97 -9.27 -15.74
N LYS A 85 24.04 -8.48 -15.87
CA LYS A 85 25.36 -8.93 -15.44
C LYS A 85 25.39 -9.26 -13.96
N THR A 86 24.59 -8.56 -13.15
CA THR A 86 24.69 -8.68 -11.69
C THR A 86 23.67 -9.64 -11.09
N PHE A 87 22.83 -10.26 -11.91
CA PHE A 87 21.87 -11.23 -11.40
C PHE A 87 22.58 -12.49 -10.94
N ARG A 88 22.21 -12.97 -9.76
CA ARG A 88 22.70 -14.26 -9.28
C ARG A 88 21.48 -15.07 -8.85
N ARG A 89 21.23 -16.16 -9.55
CA ARG A 89 20.12 -17.04 -9.20
C ARG A 89 20.43 -17.79 -7.90
N SER A 90 19.39 -18.02 -7.09
CA SER A 90 19.58 -18.69 -5.81
C SER A 90 19.57 -20.20 -5.98
N PHE A 91 20.50 -20.87 -5.30
CA PHE A 91 20.61 -22.33 -5.36
C PHE A 91 19.79 -23.02 -4.28
N ILE A 92 19.62 -22.38 -3.12
CA ILE A 92 19.02 -23.03 -1.96
C ILE A 92 17.60 -22.58 -1.67
N GLU A 93 17.19 -21.38 -2.12
CA GLU A 93 15.82 -20.91 -1.92
C GLU A 93 15.05 -21.14 -3.21
N LYS A 94 13.83 -21.64 -3.08
CA LYS A 94 13.08 -21.97 -4.30
C LYS A 94 11.60 -22.16 -3.97
N ASN A 95 10.81 -22.18 -5.04
CA ASN A 95 9.35 -22.39 -4.98
C ASN A 95 8.69 -21.37 -4.06
N LEU A 96 8.99 -20.10 -4.32
CA LEU A 96 8.33 -19.00 -3.64
C LEU A 96 6.92 -18.80 -4.23
N HIS A 97 5.91 -18.79 -3.36
CA HIS A 97 4.50 -18.77 -3.76
C HIS A 97 3.73 -17.85 -2.83
N ILE A 98 2.87 -16.99 -3.39
CA ILE A 98 2.10 -16.03 -2.60
C ILE A 98 0.68 -15.96 -3.14
N VAL A 99 -0.30 -15.93 -2.25
CA VAL A 99 -1.65 -15.57 -2.65
C VAL A 99 -1.68 -14.09 -3.00
N PHE A 100 -2.38 -13.75 -4.09
CA PHE A 100 -2.48 -12.38 -4.59
C PHE A 100 -3.97 -12.09 -4.77
N GLY A 101 -4.60 -11.52 -3.74
CA GLY A 101 -6.04 -11.35 -3.74
C GLY A 101 -6.75 -12.63 -4.11
N SER A 102 -7.59 -12.56 -5.13
CA SER A 102 -8.22 -13.75 -5.68
C SER A 102 -7.24 -14.62 -6.45
N GLY A 103 -6.09 -14.09 -6.84
CA GLY A 103 -5.12 -14.82 -7.63
C GLY A 103 -3.95 -15.31 -6.79
N SER A 104 -2.88 -15.70 -7.48
CA SER A 104 -1.67 -16.16 -6.81
C SER A 104 -0.51 -16.10 -7.78
N ILE A 105 0.70 -15.92 -7.25
CA ILE A 105 1.91 -15.86 -8.06
C ILE A 105 2.91 -16.87 -7.52
N SER A 106 3.72 -17.41 -8.43
CA SER A 106 4.72 -18.41 -8.10
C SER A 106 6.00 -18.08 -8.86
N GLY A 107 7.13 -18.50 -8.31
CA GLY A 107 8.37 -18.33 -9.02
C GLY A 107 9.56 -18.77 -8.19
N SER A 108 10.72 -18.25 -8.55
CA SER A 108 11.99 -18.66 -7.97
C SER A 108 12.62 -17.46 -7.28
N VAL A 109 13.80 -17.68 -6.70
CA VAL A 109 14.45 -16.67 -5.88
C VAL A 109 15.78 -16.30 -6.52
N GLY A 110 16.11 -15.01 -6.48
CA GLY A 110 17.38 -14.55 -7.00
C GLY A 110 17.82 -13.26 -6.35
N THR A 111 18.96 -12.78 -6.78
CA THR A 111 19.56 -11.56 -6.23
C THR A 111 20.01 -10.67 -7.38
N ASP A 112 19.82 -9.35 -7.24
CA ASP A 112 20.35 -8.41 -8.22
C ASP A 112 20.53 -7.06 -7.56
N THR A 113 21.17 -6.15 -8.29
CA THR A 113 21.27 -4.74 -7.91
C THR A 113 20.03 -3.98 -8.39
N PHE A 114 19.42 -3.20 -7.49
CA PHE A 114 18.27 -2.37 -7.81
C PHE A 114 18.66 -0.90 -7.72
N MET A 115 17.86 -0.06 -8.39
CA MET A 115 18.00 1.38 -8.21
C MET A 115 16.62 2.01 -8.08
N LEU A 116 16.43 2.80 -7.03
CA LEU A 116 15.19 3.51 -6.76
C LEU A 116 15.53 4.98 -6.54
N GLY A 117 14.98 5.85 -7.39
CA GLY A 117 15.27 7.27 -7.25
C GLY A 117 16.74 7.60 -7.19
N LYS A 118 17.53 6.96 -8.04
CA LYS A 118 18.99 7.11 -8.18
C LYS A 118 19.78 6.52 -7.01
N HIS A 119 19.13 5.89 -6.03
CA HIS A 119 19.80 5.28 -4.88
C HIS A 119 19.97 3.78 -5.12
N LEU A 120 21.21 3.29 -4.99
CA LEU A 120 21.54 1.91 -5.32
C LEU A 120 21.26 0.96 -4.18
N VAL A 121 20.80 -0.25 -4.52
CA VAL A 121 20.57 -1.31 -3.56
C VAL A 121 21.15 -2.59 -4.16
N ARG A 122 22.35 -2.96 -3.70
CA ARG A 122 23.05 -4.14 -4.19
C ARG A 122 22.65 -5.38 -3.39
N ASN A 123 22.85 -6.54 -4.00
CA ASN A 123 22.67 -7.83 -3.34
C ASN A 123 21.26 -7.99 -2.78
N GLN A 124 20.26 -7.58 -3.53
CA GLN A 124 18.88 -7.61 -3.04
C GLN A 124 18.19 -8.89 -3.50
N THR A 125 17.66 -9.65 -2.56
CA THR A 125 16.93 -10.86 -2.89
C THR A 125 15.50 -10.53 -3.31
N PHE A 126 14.97 -11.26 -4.29
CA PHE A 126 13.62 -10.99 -4.75
C PHE A 126 13.02 -12.24 -5.36
N GLY A 127 11.68 -12.21 -5.49
CA GLY A 127 10.97 -13.29 -6.14
C GLY A 127 10.83 -12.98 -7.62
N LEU A 128 11.11 -13.98 -8.45
CA LEU A 128 10.95 -13.87 -9.90
C LEU A 128 9.63 -14.53 -10.24
N VAL A 129 8.66 -13.75 -10.74
CA VAL A 129 7.38 -14.34 -11.08
C VAL A 129 7.57 -15.21 -12.31
N GLU A 130 7.17 -16.47 -12.20
CA GLU A 130 7.21 -17.40 -13.33
C GLU A 130 5.83 -17.91 -13.69
N SER A 131 4.83 -17.65 -12.87
CA SER A 131 3.47 -18.15 -13.06
C SER A 131 2.48 -17.23 -12.37
N GLU A 132 1.41 -16.89 -13.09
CA GLU A 132 0.27 -16.15 -12.53
C GLU A 132 -0.97 -17.01 -12.69
N SER A 133 -1.78 -17.08 -11.62
CA SER A 133 -3.05 -17.78 -11.67
C SER A 133 -3.92 -17.33 -12.84
N ASN A 134 -4.90 -18.15 -13.21
CA ASN A 134 -5.85 -17.84 -14.26
C ASN A 134 -7.28 -17.98 -13.73
N ASN A 135 -7.53 -17.47 -12.52
CA ASN A 135 -8.82 -17.68 -11.86
C ASN A 135 -9.90 -16.79 -12.47
N ASP A 141 -13.45 -12.52 -11.77
CA ASP A 141 -12.68 -13.28 -12.75
C ASP A 141 -11.19 -13.29 -12.41
N ASN A 142 -10.33 -13.24 -13.43
CA ASN A 142 -8.89 -13.35 -13.27
C ASN A 142 -8.32 -11.96 -12.97
N ILE A 143 -7.78 -11.78 -11.75
CA ILE A 143 -7.33 -10.47 -11.31
C ILE A 143 -6.24 -9.92 -12.24
N PHE A 144 -5.35 -10.79 -12.71
CA PHE A 144 -4.24 -10.29 -13.52
C PHE A 144 -4.70 -9.75 -14.87
N ASP A 145 -5.93 -10.06 -15.29
CA ASP A 145 -6.48 -9.46 -16.51
C ASP A 145 -7.01 -8.05 -16.26
N TYR A 146 -7.40 -7.73 -15.02
CA TYR A 146 -7.93 -6.40 -14.71
C TYR A 146 -6.83 -5.40 -14.43
N ILE A 147 -5.64 -5.83 -14.02
CA ILE A 147 -4.59 -4.90 -13.64
C ILE A 147 -3.37 -5.12 -14.54
N SER A 148 -2.46 -4.15 -14.51
CA SER A 148 -1.18 -4.20 -15.21
C SER A 148 -0.10 -4.45 -14.16
N PHE A 149 0.13 -5.72 -13.85
CA PHE A 149 0.98 -6.09 -12.71
C PHE A 149 2.41 -6.36 -13.18
N GLU A 150 3.36 -5.59 -12.68
CA GLU A 150 4.77 -5.84 -12.98
C GLU A 150 5.60 -6.22 -11.77
N GLY A 151 5.09 -6.04 -10.55
CA GLY A 151 5.83 -6.49 -9.39
C GLY A 151 5.34 -5.78 -8.14
N ILE A 152 6.04 -6.04 -7.05
CA ILE A 152 5.73 -5.50 -5.73
C ILE A 152 7.03 -5.11 -5.04
N VAL A 153 7.09 -3.92 -4.48
CA VAL A 153 8.12 -3.56 -3.52
C VAL A 153 7.43 -3.52 -2.15
N GLY A 154 7.65 -4.55 -1.34
CA GLY A 154 7.10 -4.55 0.00
C GLY A 154 7.83 -3.56 0.90
N LEU A 155 7.05 -2.85 1.72
CA LEU A 155 7.59 -1.84 2.64
C LEU A 155 7.14 -2.10 4.08
N GLY A 156 6.62 -3.28 4.36
CA GLY A 156 6.35 -3.70 5.73
C GLY A 156 7.65 -4.06 6.44
N PHE A 157 7.48 -4.64 7.66
CA PHE A 157 8.59 -4.88 8.56
C PHE A 157 9.32 -6.19 8.27
N PRO A 158 10.59 -6.32 8.69
CA PRO A 158 11.38 -7.54 8.39
C PRO A 158 10.70 -8.85 8.74
N GLY A 159 9.79 -8.86 9.72
CA GLY A 159 9.13 -10.09 10.13
C GLY A 159 8.27 -10.75 9.06
N MET A 160 7.95 -10.06 7.97
CA MET A 160 7.16 -10.67 6.90
C MET A 160 8.01 -11.09 5.72
N LEU A 161 9.33 -10.93 5.79
CA LEU A 161 10.22 -11.30 4.68
C LEU A 161 10.23 -12.80 4.48
N SER A 162 10.00 -13.23 3.23
CA SER A 162 9.90 -14.64 2.88
C SER A 162 11.20 -15.21 2.33
N ALA A 163 11.84 -14.50 1.41
CA ALA A 163 13.08 -14.97 0.79
C ALA A 163 14.21 -13.99 1.06
N GLY A 164 15.41 -14.51 1.27
CA GLY A 164 16.54 -13.67 1.56
C GLY A 164 16.52 -13.20 2.99
N ASN A 165 17.59 -12.49 3.35
CA ASN A 165 17.83 -12.15 4.74
C ASN A 165 17.74 -10.65 5.01
N ILE A 166 17.31 -9.85 4.04
CA ILE A 166 17.10 -8.43 4.32
C ILE A 166 16.07 -7.82 3.37
N PRO A 167 15.06 -7.12 3.90
CA PRO A 167 14.07 -6.49 3.01
C PRO A 167 14.64 -5.29 2.28
N PHE A 168 13.90 -4.89 1.24
CA PHE A 168 14.38 -3.89 0.30
C PHE A 168 14.69 -2.57 0.98
N PHE A 169 13.71 -2.01 1.71
CA PHE A 169 13.95 -0.72 2.33
C PHE A 169 15.09 -0.80 3.35
N ASP A 170 15.14 -1.89 4.12
CA ASP A 170 16.23 -2.05 5.08
C ASP A 170 17.57 -2.07 4.38
N ASN A 171 17.63 -2.76 3.23
CA ASN A 171 18.88 -2.88 2.48
C ASN A 171 19.29 -1.54 1.90
N LEU A 172 18.34 -0.80 1.32
CA LEU A 172 18.61 0.53 0.81
C LEU A 172 19.21 1.42 1.90
N LEU A 173 18.62 1.41 3.10
CA LEU A 173 19.12 2.24 4.19
C LEU A 173 20.52 1.80 4.62
N LYS A 174 20.76 0.49 4.69
CA LYS A 174 22.09 0.00 5.03
C LYS A 174 23.14 0.51 4.04
N GLN A 175 22.77 0.60 2.76
CA GLN A 175 23.75 1.02 1.75
C GLN A 175 23.72 2.52 1.50
N ASN A 176 22.76 3.25 2.07
CA ASN A 176 22.66 4.69 1.94
C ASN A 176 22.45 5.24 3.35
N PRO A 177 23.49 5.21 4.19
CA PRO A 177 23.26 5.35 5.63
C PRO A 177 22.92 6.76 6.06
N ASN A 178 23.02 7.75 5.17
CA ASN A 178 22.62 9.12 5.44
C ASN A 178 21.15 9.38 5.13
N VAL A 179 20.42 8.38 4.67
CA VAL A 179 18.98 8.50 4.44
C VAL A 179 18.26 8.12 5.72
N ASP A 180 17.38 9.01 6.19
CA ASP A 180 16.59 8.70 7.38
C ASP A 180 15.60 7.57 7.09
N PRO A 181 15.45 6.61 8.01
CA PRO A 181 14.53 5.47 7.77
C PRO A 181 13.05 5.84 7.87
N GLN A 182 12.52 6.46 6.83
CA GLN A 182 11.12 6.81 6.75
C GLN A 182 10.74 6.97 5.29
N PHE A 183 9.46 6.77 5.00
CA PHE A 183 8.92 7.08 3.69
C PHE A 183 7.49 7.59 3.88
N SER A 184 7.03 8.38 2.91
CA SER A 184 5.72 9.00 3.00
C SER A 184 5.06 8.92 1.62
N PHE A 185 3.74 8.88 1.62
CA PHE A 185 2.96 8.86 0.38
C PHE A 185 2.17 10.16 0.27
N TYR A 186 2.36 10.88 -0.83
CA TYR A 186 1.48 11.99 -1.19
C TYR A 186 0.66 11.53 -2.39
N ILE A 187 -0.65 11.41 -2.19
CA ILE A 187 -1.52 10.86 -3.19
C ILE A 187 -2.40 11.99 -3.73
N SER A 188 -2.24 12.28 -5.02
CA SER A 188 -3.03 13.32 -5.70
C SER A 188 -3.37 12.82 -7.09
N PRO A 189 -4.31 11.88 -7.20
CA PRO A 189 -4.56 11.25 -8.50
C PRO A 189 -5.27 12.17 -9.47
N TYR A 190 -5.91 13.24 -9.00
CA TYR A 190 -6.64 14.11 -9.92
C TYR A 190 -5.73 14.82 -10.90
N ASP A 191 -4.43 14.97 -10.57
CA ASP A 191 -3.53 15.71 -11.43
C ASP A 191 -2.21 14.99 -11.72
N GLY A 192 -2.10 13.70 -11.45
CA GLY A 192 -0.84 13.02 -11.72
C GLY A 192 0.35 13.54 -10.94
N LYS A 193 0.11 14.12 -9.76
CA LYS A 193 1.20 14.66 -8.95
C LYS A 193 1.53 13.79 -7.76
N SER A 194 1.07 12.54 -7.74
CA SER A 194 1.36 11.66 -6.62
C SER A 194 2.85 11.35 -6.58
N THR A 195 3.37 11.19 -5.36
CA THR A 195 4.79 10.88 -5.24
C THR A 195 5.07 10.18 -3.92
N LEU A 196 6.06 9.31 -3.95
CA LEU A 196 6.60 8.66 -2.76
C LEU A 196 7.86 9.41 -2.36
N ILE A 197 7.91 9.85 -1.10
CA ILE A 197 9.01 10.66 -0.58
C ILE A 197 9.77 9.80 0.43
N ILE A 198 11.08 9.72 0.29
CA ILE A 198 11.90 8.87 1.12
C ILE A 198 12.93 9.72 1.85
N GLY A 199 13.09 9.48 3.16
CA GLY A 199 14.07 10.18 3.95
C GLY A 199 13.57 11.41 4.68
N GLY A 200 12.31 11.80 4.49
CA GLY A 200 11.81 12.95 5.21
C GLY A 200 10.43 13.34 4.68
N ILE A 201 9.98 14.52 5.12
CA ILE A 201 8.66 15.04 4.74
C ILE A 201 8.80 16.50 4.32
N SER A 202 7.70 17.05 3.80
CA SER A 202 7.70 18.40 3.28
C SER A 202 6.30 18.98 3.38
N LYS A 203 6.21 20.23 3.86
CA LYS A 203 4.95 20.96 3.86
C LYS A 203 4.46 21.31 2.47
N SER A 204 5.21 20.96 1.42
CA SER A 204 4.60 20.97 0.10
C SER A 204 3.44 19.99 0.00
N PHE A 205 3.41 18.97 0.84
CA PHE A 205 2.41 17.92 0.71
C PHE A 205 1.36 17.87 1.81
N TYR A 206 1.52 18.64 2.89
CA TYR A 206 0.58 18.56 3.99
C TYR A 206 0.41 19.94 4.61
N GLU A 207 -0.67 20.10 5.36
CA GLU A 207 -0.84 21.28 6.20
C GLU A 207 -1.19 20.85 7.61
N GLY A 208 -0.98 21.77 8.55
CA GLY A 208 -1.21 21.48 9.95
C GLY A 208 -0.11 20.63 10.54
N ASP A 209 -0.40 20.03 11.70
CA ASP A 209 0.58 19.22 12.40
C ASP A 209 0.55 17.79 11.89
N ILE A 210 1.67 17.10 12.05
CA ILE A 210 1.75 15.66 11.90
C ILE A 210 1.41 15.01 13.23
N TYR A 211 0.44 14.10 13.22
CA TYR A 211 0.05 13.37 14.44
C TYR A 211 0.68 11.99 14.42
N MET A 212 1.46 11.68 15.45
CA MET A 212 2.25 10.46 15.48
C MET A 212 1.52 9.35 16.22
N LEU A 213 1.33 8.22 15.54
CA LEU A 213 0.65 7.05 16.11
C LEU A 213 1.66 5.92 16.28
N PRO A 214 1.86 5.43 17.49
CA PRO A 214 2.83 4.34 17.72
C PRO A 214 2.41 3.03 17.06
N VAL A 215 3.34 2.41 16.34
CA VAL A 215 3.12 1.06 15.85
C VAL A 215 3.11 0.09 17.03
N LEU A 216 2.07 -0.73 17.11
CA LEU A 216 1.91 -1.71 18.23
C LEU A 216 2.65 -3.01 17.89
N LYS A 217 2.47 -3.51 16.67
CA LYS A 217 3.13 -4.77 16.25
C LYS A 217 3.92 -4.52 14.95
N GLU A 218 5.19 -4.88 14.96
CA GLU A 218 6.05 -4.63 13.78
C GLU A 218 5.97 -5.78 12.77
N SER A 219 4.88 -5.83 12.01
CA SER A 219 4.76 -6.78 10.87
C SER A 219 4.07 -5.93 9.83
N TYR A 220 2.82 -5.59 10.08
CA TYR A 220 2.11 -4.60 9.26
C TYR A 220 2.31 -3.27 9.98
N TRP A 221 2.06 -2.14 9.33
CA TRP A 221 2.10 -0.81 9.99
C TRP A 221 0.78 -0.72 10.76
N GLU A 222 0.80 -1.13 12.02
CA GLU A 222 -0.42 -1.36 12.74
C GLU A 222 -0.41 -0.53 14.02
N VAL A 223 -1.46 0.26 14.24
CA VAL A 223 -1.58 1.18 15.36
C VAL A 223 -2.89 0.92 16.11
N LYS A 224 -2.95 1.43 17.34
CA LYS A 224 -4.18 1.33 18.13
C LYS A 224 -5.23 2.30 17.63
N LEU A 225 -6.47 1.81 17.46
CA LEU A 225 -7.67 2.59 17.20
C LEU A 225 -8.51 2.68 18.47
N ASP A 226 -8.87 3.90 18.86
CA ASP A 226 -9.62 4.12 20.11
C ASP A 226 -11.12 4.03 19.91
N GLU A 227 -11.64 4.73 18.90
CA GLU A 227 -13.07 4.75 18.57
C GLU A 227 -13.26 4.86 17.07
N LEU A 228 -14.46 4.46 16.63
CA LEU A 228 -14.91 4.62 15.25
C LEU A 228 -16.39 4.99 15.27
N TYR A 229 -16.73 6.08 14.59
CA TYR A 229 -18.12 6.54 14.48
C TYR A 229 -18.58 6.58 13.03
N ILE A 230 -19.81 6.14 12.81
CA ILE A 230 -20.55 6.37 11.57
C ILE A 230 -21.63 7.40 11.91
N GLY A 231 -21.42 8.64 11.46
CA GLY A 231 -22.27 9.72 11.97
C GLY A 231 -22.13 9.80 13.48
N LYS A 232 -23.27 9.81 14.18
CA LYS A 232 -23.28 9.84 15.64
C LYS A 232 -23.26 8.46 16.26
N GLU A 233 -23.24 7.40 15.45
CA GLU A 233 -23.30 6.04 15.96
C GLU A 233 -21.89 5.51 16.19
N ARG A 234 -21.54 5.29 17.47
CA ARG A 234 -20.26 4.66 17.82
C ARG A 234 -20.34 3.17 17.52
N ILE A 235 -19.43 2.66 16.68
CA ILE A 235 -19.40 1.23 16.38
C ILE A 235 -18.13 0.55 16.90
N CYS A 236 -17.26 1.27 17.60
CA CYS A 236 -15.96 0.81 18.11
C CYS A 236 -15.46 1.94 19.01
N CYS A 237 -14.71 1.62 20.07
CA CYS A 237 -14.18 0.32 20.46
C CYS A 237 -14.28 0.18 21.99
N ASP A 238 -14.74 -0.97 22.46
CA ASP A 238 -14.72 -1.25 23.88
C ASP A 238 -13.53 -2.11 24.28
N GLU A 239 -12.85 -2.70 23.32
CA GLU A 239 -11.62 -3.45 23.58
C GLU A 239 -10.60 -3.07 22.52
N GLU A 240 -9.33 -3.31 22.85
CA GLU A 240 -8.22 -2.88 22.02
C GLU A 240 -8.45 -3.29 20.57
N SER A 241 -8.44 -2.29 19.69
CA SER A 241 -8.61 -2.53 18.26
C SER A 241 -7.53 -1.78 17.50
N TYR A 242 -7.44 -2.06 16.19
CA TYR A 242 -6.26 -1.70 15.42
C TYR A 242 -6.63 -1.17 14.06
N VAL A 243 -5.82 -0.23 13.57
CA VAL A 243 -5.85 0.18 12.17
C VAL A 243 -4.54 -0.28 11.53
N ILE A 244 -4.62 -0.82 10.32
CA ILE A 244 -3.45 -1.16 9.53
C ILE A 244 -3.43 -0.24 8.32
N PHE A 245 -2.33 0.49 8.15
CA PHE A 245 -2.15 1.39 7.00
C PHE A 245 -1.55 0.56 5.87
N ASP A 246 -2.35 0.26 4.86
CA ASP A 246 -1.98 -0.72 3.83
C ASP A 246 -2.08 -0.05 2.46
N THR A 247 -0.96 0.42 1.93
CA THR A 247 -1.00 1.04 0.62
C THR A 247 -1.31 0.06 -0.50
N GLY A 248 -1.26 -1.25 -0.24
CA GLY A 248 -1.59 -2.21 -1.28
C GLY A 248 -3.06 -2.53 -1.43
N THR A 249 -3.91 -2.05 -0.52
CA THR A 249 -5.35 -2.29 -0.62
C THR A 249 -6.01 -1.11 -1.31
N SER A 250 -7.05 -1.42 -2.07
CA SER A 250 -7.82 -0.36 -2.71
C SER A 250 -8.85 0.21 -1.74
N TYR A 251 -9.55 -0.66 -1.04
CA TYR A 251 -10.70 -0.29 -0.24
C TYR A 251 -10.34 -0.31 1.24
N ASN A 252 -10.99 0.54 2.01
CA ASN A 252 -10.89 0.41 3.45
C ASN A 252 -11.77 -0.74 3.90
N THR A 253 -11.49 -1.28 5.10
CA THR A 253 -12.16 -2.48 5.54
C THR A 253 -12.71 -2.33 6.96
N MET A 254 -13.65 -3.20 7.29
CA MET A 254 -14.13 -3.39 8.65
C MET A 254 -14.27 -4.88 8.91
N PRO A 255 -14.22 -5.30 10.17
CA PRO A 255 -14.54 -6.69 10.49
C PRO A 255 -16.02 -6.96 10.27
N SER A 256 -16.37 -8.25 10.40
CA SER A 256 -17.71 -8.72 10.03
C SER A 256 -18.81 -8.01 10.80
N SER A 257 -18.69 -7.95 12.13
CA SER A 257 -19.76 -7.35 12.95
C SER A 257 -20.02 -5.90 12.56
N GLN A 258 -18.96 -5.08 12.48
CA GLN A 258 -19.15 -3.67 12.16
C GLN A 258 -19.72 -3.49 10.77
N MET A 259 -19.39 -4.41 9.85
CA MET A 259 -19.82 -4.28 8.46
C MET A 259 -21.33 -4.46 8.32
N LYS A 260 -21.93 -5.33 9.13
CA LYS A 260 -23.38 -5.45 9.13
C LYS A 260 -24.03 -4.15 9.59
N THR A 261 -23.45 -3.53 10.62
CA THR A 261 -23.91 -2.21 11.04
C THR A 261 -23.76 -1.21 9.91
N PHE A 262 -22.60 -1.22 9.25
CA PHE A 262 -22.31 -0.24 8.21
C PHE A 262 -23.32 -0.31 7.09
N LEU A 263 -23.59 -1.52 6.59
CA LEU A 263 -24.46 -1.69 5.43
C LEU A 263 -25.92 -1.49 5.78
N ASN A 264 -26.29 -1.58 7.06
CA ASN A 264 -27.62 -1.14 7.48
C ASN A 264 -27.73 0.38 7.53
N LEU A 265 -26.60 1.07 7.72
CA LEU A 265 -26.62 2.53 7.76
C LEU A 265 -26.38 3.17 6.40
N ILE A 266 -25.62 2.53 5.52
CA ILE A 266 -25.16 3.17 4.30
C ILE A 266 -25.43 2.23 3.13
N HIS A 267 -26.30 2.64 2.22
CA HIS A 267 -26.70 1.82 1.09
C HIS A 267 -26.23 2.45 -0.22
N SER A 268 -26.12 1.61 -1.25
CA SER A 268 -25.98 2.13 -2.61
C SER A 268 -27.20 3.02 -2.93
N THR A 269 -26.97 4.06 -3.71
CA THR A 269 -28.03 5.01 -4.01
C THR A 269 -27.82 5.65 -5.36
N ALA A 270 -28.91 6.10 -5.98
CA ALA A 270 -28.80 6.81 -7.24
C ALA A 270 -27.97 8.07 -7.03
N CYS A 271 -27.02 8.29 -7.92
CA CYS A 271 -26.14 9.46 -7.89
C CYS A 271 -26.09 10.03 -9.31
N THR A 272 -27.19 10.64 -9.72
CA THR A 272 -27.25 11.24 -11.04
C THR A 272 -26.68 12.65 -10.99
N GLU A 273 -26.52 13.24 -12.17
CA GLU A 273 -26.09 14.62 -12.28
C GLU A 273 -26.94 15.54 -11.39
N GLN A 274 -28.22 15.24 -11.24
CA GLN A 274 -29.13 16.10 -10.48
C GLN A 274 -28.91 16.01 -8.97
N ASN A 275 -28.65 14.81 -8.44
CA ASN A 275 -28.74 14.60 -7.00
C ASN A 275 -27.46 14.10 -6.32
N TYR A 276 -26.37 13.92 -7.05
CA TYR A 276 -25.20 13.32 -6.42
C TYR A 276 -24.56 14.28 -5.41
N LYS A 277 -24.59 15.59 -5.68
CA LYS A 277 -24.08 16.52 -4.67
C LYS A 277 -24.95 16.48 -3.43
N ASP A 278 -26.24 16.15 -3.58
CA ASP A 278 -27.11 16.04 -2.42
C ASP A 278 -26.72 14.88 -1.55
N ILE A 279 -26.40 13.74 -2.17
CA ILE A 279 -26.00 12.55 -1.43
C ILE A 279 -24.65 12.77 -0.74
N LEU A 280 -23.72 13.43 -1.42
CA LEU A 280 -22.41 13.64 -0.78
C LEU A 280 -22.52 14.55 0.44
N LYS A 281 -23.43 15.53 0.41
CA LYS A 281 -23.64 16.38 1.58
C LYS A 281 -24.41 15.68 2.69
N SER A 282 -25.30 14.76 2.33
CA SER A 282 -26.23 14.17 3.29
C SER A 282 -25.65 12.99 4.07
N TYR A 283 -24.84 12.17 3.41
CA TYR A 283 -24.41 10.92 4.00
C TYR A 283 -23.47 11.16 5.19
N PRO A 284 -23.36 10.21 6.09
CA PRO A 284 -22.63 10.46 7.33
C PRO A 284 -21.12 10.48 7.14
N ILE A 285 -20.47 11.22 8.03
CA ILE A 285 -19.02 11.26 8.11
C ILE A 285 -18.56 10.11 9.00
N ILE A 286 -17.57 9.37 8.55
CA ILE A 286 -16.98 8.29 9.32
C ILE A 286 -15.76 8.84 10.04
N LYS A 287 -15.71 8.69 11.36
CA LYS A 287 -14.66 9.28 12.17
C LYS A 287 -13.85 8.18 12.86
N TYR A 288 -12.56 8.12 12.53
CA TYR A 288 -11.60 7.27 13.23
C TYR A 288 -10.90 8.12 14.28
N VAL A 289 -10.89 7.66 15.53
CA VAL A 289 -10.37 8.42 16.65
C VAL A 289 -9.12 7.74 17.18
N PHE A 290 -8.00 8.46 17.15
CA PHE A 290 -6.70 8.01 17.66
C PHE A 290 -6.26 9.08 18.66
N GLY A 291 -6.76 8.98 19.89
CA GLY A 291 -6.42 9.99 20.87
C GLY A 291 -6.85 11.37 20.39
N GLU A 292 -5.87 12.23 20.08
CA GLU A 292 -6.18 13.58 19.60
C GLU A 292 -6.49 13.59 18.11
N LEU A 293 -5.88 12.71 17.33
CA LEU A 293 -6.14 12.71 15.90
C LEU A 293 -7.54 12.15 15.63
N ILE A 294 -8.31 12.87 14.81
CA ILE A 294 -9.56 12.36 14.28
C ILE A 294 -9.43 12.34 12.76
N ILE A 295 -9.49 11.14 12.18
CA ILE A 295 -9.50 10.98 10.73
C ILE A 295 -10.97 10.95 10.31
N GLU A 296 -11.39 11.96 9.54
CA GLU A 296 -12.75 12.05 9.03
C GLU A 296 -12.77 11.69 7.55
N LEU A 297 -13.63 10.74 7.18
CA LEU A 297 -13.88 10.41 5.79
C LEU A 297 -15.30 10.85 5.46
N HIS A 298 -15.41 11.78 4.52
CA HIS A 298 -16.72 12.26 4.08
C HIS A 298 -17.27 11.32 3.01
N PRO A 299 -18.56 11.45 2.70
CA PRO A 299 -19.14 10.63 1.61
C PRO A 299 -18.33 10.68 0.32
N GLU A 300 -17.82 11.85 -0.07
CA GLU A 300 -17.01 11.96 -1.27
C GLU A 300 -15.78 11.07 -1.21
N GLU A 301 -15.34 10.68 -0.02
CA GLU A 301 -14.21 9.76 0.08
C GLU A 301 -14.62 8.31 -0.04
N TYR A 302 -15.60 7.87 0.74
CA TYR A 302 -15.89 6.45 0.84
C TYR A 302 -16.97 5.98 -0.12
N MET A 303 -17.60 6.87 -0.87
CA MET A 303 -18.58 6.46 -1.87
C MET A 303 -17.92 6.47 -3.24
N ILE A 304 -18.17 5.43 -4.02
CA ILE A 304 -17.64 5.33 -5.39
C ILE A 304 -18.78 5.61 -6.36
N LEU A 305 -18.61 6.63 -7.19
CA LEU A 305 -19.59 6.97 -8.21
C LEU A 305 -19.23 6.24 -9.50
N ASN A 306 -20.15 5.40 -10.00
CA ASN A 306 -19.96 4.70 -11.26
C ASN A 306 -21.29 4.65 -11.98
N ASP A 307 -21.41 5.42 -13.06
CA ASP A 307 -22.56 5.31 -13.98
C ASP A 307 -23.87 5.51 -13.23
N ASP A 308 -23.99 6.69 -12.60
CA ASP A 308 -25.21 7.18 -11.96
C ASP A 308 -25.54 6.49 -10.65
N VAL A 309 -24.64 5.69 -10.10
CA VAL A 309 -24.85 5.02 -8.82
C VAL A 309 -23.63 5.23 -7.93
N CYS A 310 -23.88 5.55 -6.63
CA CYS A 310 -22.84 5.62 -5.61
C CYS A 310 -22.86 4.33 -4.79
N MET A 311 -21.70 3.69 -4.66
CA MET A 311 -21.57 2.56 -3.75
C MET A 311 -20.48 2.81 -2.72
N PRO A 312 -20.67 2.38 -1.48
CA PRO A 312 -19.64 2.60 -0.45
C PRO A 312 -18.42 1.72 -0.68
N ALA A 313 -17.24 2.32 -0.57
CA ALA A 313 -15.97 1.68 -0.88
C ALA A 313 -15.37 0.96 0.34
N TYR A 314 -16.18 0.16 1.02
CA TYR A 314 -15.74 -0.60 2.19
C TYR A 314 -15.99 -2.09 1.94
N MET A 315 -15.09 -2.93 2.40
CA MET A 315 -15.33 -4.36 2.32
C MET A 315 -15.03 -5.03 3.66
N GLN A 316 -15.59 -6.22 3.80
CA GLN A 316 -15.40 -7.05 4.98
C GLN A 316 -14.06 -7.75 4.92
N ILE A 317 -13.20 -7.48 5.89
CA ILE A 317 -11.93 -8.20 6.03
C ILE A 317 -11.77 -8.55 7.50
N ASP A 318 -11.53 -9.83 7.78
CA ASP A 318 -11.23 -10.28 9.13
C ASP A 318 -9.79 -10.78 9.15
N VAL A 319 -8.95 -10.11 9.94
CA VAL A 319 -7.54 -10.46 10.05
C VAL A 319 -7.39 -11.39 11.25
N PRO A 320 -6.84 -12.59 11.08
CA PRO A 320 -6.46 -13.39 12.25
C PRO A 320 -5.43 -12.66 13.10
N SER A 321 -5.15 -13.20 14.27
CA SER A 321 -4.14 -12.57 15.13
C SER A 321 -2.74 -12.79 14.58
N ARG A 323 -7.04 -11.79 16.19
CA ARG A 323 -7.32 -10.39 15.95
C ARG A 323 -8.82 -10.25 15.69
N ASN A 324 -9.21 -10.09 14.43
CA ASN A 324 -10.58 -9.76 14.03
C ASN A 324 -11.05 -8.43 14.58
N HIS A 325 -10.12 -7.61 15.09
CA HIS A 325 -10.38 -6.26 15.53
C HIS A 325 -9.48 -5.28 14.77
N ALA A 326 -9.12 -5.63 13.55
CA ALA A 326 -8.24 -4.82 12.71
C ALA A 326 -9.07 -4.20 11.60
N TYR A 327 -8.77 -2.93 11.31
CA TYR A 327 -9.39 -2.16 10.24
C TYR A 327 -8.29 -1.68 9.30
N LEU A 328 -8.49 -1.84 7.99
CA LEU A 328 -7.50 -1.38 7.03
C LEU A 328 -7.87 0.00 6.51
N LEU A 329 -6.88 0.88 6.35
CA LEU A 329 -7.02 2.22 5.72
C LEU A 329 -6.12 2.19 4.47
N GLY A 330 -6.66 2.38 3.28
CA GLY A 330 -5.80 2.22 2.11
C GLY A 330 -6.16 2.97 0.85
N SER A 331 -5.11 3.48 0.23
CA SER A 331 -5.02 4.22 -1.05
C SER A 331 -6.06 5.32 -1.30
N LEU A 332 -6.63 5.28 -2.48
CA LEU A 332 -7.46 6.33 -3.10
C LEU A 332 -8.36 7.09 -2.13
N SER A 333 -9.22 6.42 -1.41
CA SER A 333 -10.14 7.21 -0.57
C SER A 333 -9.39 7.98 0.51
N PHE A 334 -8.67 7.25 1.35
CA PHE A 334 -8.06 7.84 2.57
C PHE A 334 -6.78 8.59 2.24
N MET A 335 -5.89 7.95 1.50
CA MET A 335 -4.60 8.62 1.37
C MET A 335 -4.66 9.88 0.50
N ARG A 336 -5.67 10.03 -0.36
CA ARG A 336 -5.76 11.28 -1.12
C ARG A 336 -5.98 12.47 -0.20
N ASN A 337 -6.68 12.27 0.90
CA ASN A 337 -6.99 13.38 1.80
C ASN A 337 -6.07 13.44 3.01
N PHE A 338 -5.17 12.47 3.18
CA PHE A 338 -4.27 12.44 4.34
C PHE A 338 -2.87 12.03 3.92
N PHE A 339 -1.93 12.96 4.10
CA PHE A 339 -0.52 12.67 3.96
C PHE A 339 -0.10 11.71 5.07
N THR A 340 0.53 10.59 4.69
CA THR A 340 0.85 9.54 5.64
C THR A 340 2.35 9.30 5.63
N VAL A 341 2.95 9.26 6.83
CA VAL A 341 4.39 9.16 7.04
C VAL A 341 4.64 7.85 7.76
N PHE A 342 5.55 7.03 7.23
CA PHE A 342 5.88 5.73 7.81
C PHE A 342 7.30 5.84 8.37
N VAL A 343 7.42 5.91 9.69
CA VAL A 343 8.69 6.14 10.35
C VAL A 343 9.16 4.80 10.92
N ARG A 344 10.24 4.26 10.38
CA ARG A 344 10.79 3.01 10.86
C ARG A 344 11.52 3.29 12.17
N GLY A 345 11.27 2.43 13.16
CA GLY A 345 12.07 2.48 14.37
C GLY A 345 13.52 2.17 14.09
N THR A 346 14.39 2.78 14.89
CA THR A 346 15.83 2.55 14.79
C THR A 346 16.33 2.21 16.18
N GLU A 347 17.65 2.20 16.37
CA GLU A 347 18.23 2.07 17.69
C GLU A 347 17.83 3.21 18.62
N SER A 348 17.31 4.32 18.10
CA SER A 348 17.06 5.49 18.93
C SER A 348 15.63 6.03 18.84
N ARG A 349 14.69 5.28 18.27
CA ARG A 349 13.30 5.74 18.21
C ARG A 349 12.41 4.55 17.85
N PRO A 350 11.15 4.54 18.27
CA PRO A 350 10.25 3.47 17.88
C PRO A 350 9.61 3.74 16.52
N SER A 351 9.00 2.70 15.97
CA SER A 351 8.24 2.85 14.73
C SER A 351 6.95 3.61 14.99
N MET A 352 6.60 4.50 14.05
CA MET A 352 5.42 5.36 14.14
C MET A 352 4.80 5.51 12.77
N VAL A 353 3.49 5.77 12.74
CA VAL A 353 2.80 6.28 11.55
C VAL A 353 2.36 7.70 11.86
N GLY A 354 2.76 8.65 11.01
CA GLY A 354 2.34 10.03 11.13
C GLY A 354 1.23 10.33 10.13
N VAL A 355 0.22 11.08 10.59
CA VAL A 355 -0.91 11.45 9.74
C VAL A 355 -1.08 12.97 9.78
N ALA A 356 -1.28 13.57 8.62
CA ALA A 356 -1.54 15.00 8.50
C ALA A 356 -2.55 15.22 7.37
N ARG A 357 -3.19 16.39 7.41
CA ARG A 357 -4.14 16.74 6.37
C ARG A 357 -3.38 16.97 5.07
N ALA A 358 -3.81 16.32 4.00
CA ALA A 358 -3.11 16.44 2.75
C ALA A 358 -3.27 17.86 2.20
N LYS A 359 -2.32 18.24 1.33
CA LYS A 359 -2.29 19.50 0.58
C LYS A 359 -1.78 20.64 1.46
#